data_4YAR
#
_entry.id   4YAR
#
_cell.length_a   85.286
_cell.length_b   95.953
_cell.length_c   101.142
_cell.angle_alpha   90.00
_cell.angle_beta   90.00
_cell.angle_gamma   90.00
#
_symmetry.space_group_name_H-M   'C 2 2 21'
#
loop_
_entity.id
_entity.type
_entity.pdbx_description
1 polymer '2-hydroxyethylphosphonate dioxygenase'
2 non-polymer 'CADMIUM ION'
3 non-polymer 'SODIUM ION'
4 non-polymer 'ACETATE ION'
5 water water
#
_entity_poly.entity_id   1
_entity_poly.type   'polypeptide(L)'
_entity_poly.pdbx_seq_one_letter_code
;MRIDPFKLAHWMNARKYTAAQTADLAGLPLDDLRRLLGDEANEPDPAAATALAEALSVEPSQLAADAHRNLTVVHKSAEE
MHASRRPIQRDGIHFYNYYTLAAPEGRVAPVVLDILCPSDRLPALNNGHLEPAITVNLGPGDINGRWGEEITPQTWRVLH
ANHGGDRWITGDSYVHPSYCPHSYSLAGDAPARIVSYTAQSNISPLMTEANNWSTGAFEEALKALSGKVSAGSVLDLFLA
RRAHTRTSAAEAAGVPPADLEAALRSPASETGLTVLRTLGRALGFDYRVLLPADDQHDGVGKTWTTIEDSRRSRRTFGTY
EAASMASAAHLPDLVGSFLRVDADGRGADLIDHAENHYVVTEGRLTLEWDGPDGPASVELEPDGSAWTGPFVRHRWHGTG
TVLKFGSGAHLGYQDWLELTNTFEPAATLRRGRRDLAGWGYDN
;
_entity_poly.pdbx_strand_id   A
#
loop_
_chem_comp.id
_chem_comp.type
_chem_comp.name
_chem_comp.formula
ACT non-polymer 'ACETATE ION' 'C2 H3 O2 -1'
CD non-polymer 'CADMIUM ION' 'Cd 2'
NA non-polymer 'SODIUM ION' 'Na 1'
#
# COMPACT_ATOMS: atom_id res chain seq x y z
N ILE A 3 -21.63 12.32 -9.66
CA ILE A 3 -21.58 13.11 -8.42
C ILE A 3 -21.65 12.21 -7.19
N ASP A 4 -20.71 12.39 -6.29
CA ASP A 4 -20.68 11.59 -5.06
C ASP A 4 -21.55 12.30 -4.05
N PRO A 5 -22.65 11.67 -3.60
CA PRO A 5 -23.54 12.35 -2.69
C PRO A 5 -22.83 12.65 -1.34
N PHE A 6 -21.83 11.84 -0.99
CA PHE A 6 -21.06 12.10 0.27
C PHE A 6 -20.26 13.39 0.17
N LYS A 7 -19.68 13.59 -1.00
CA LYS A 7 -18.85 14.72 -1.24
C LYS A 7 -19.75 15.95 -1.39
N LEU A 8 -20.92 15.77 -1.97
CA LEU A 8 -21.81 16.91 -2.23
C LEU A 8 -22.37 17.41 -0.91
N ALA A 9 -22.84 16.47 -0.09
CA ALA A 9 -23.38 16.80 1.21
C ALA A 9 -22.31 17.47 2.06
N HIS A 10 -21.09 16.93 2.03
CA HIS A 10 -19.95 17.54 2.77
C HIS A 10 -19.76 19.02 2.41
N TRP A 11 -19.81 19.35 1.12
CA TRP A 11 -19.57 20.75 0.69
C TRP A 11 -20.76 21.64 0.93
N MET A 12 -21.95 21.11 0.79
CA MET A 12 -23.11 21.87 1.24
C MET A 12 -23.03 22.19 2.71
N ASN A 13 -22.71 21.19 3.51
CA ASN A 13 -22.54 21.46 4.95
C ASN A 13 -21.41 22.47 5.24
N ALA A 14 -20.32 22.37 4.51
CA ALA A 14 -19.20 23.31 4.70
C ALA A 14 -19.57 24.73 4.45
N ARG A 15 -20.38 24.97 3.42
CA ARG A 15 -20.88 26.30 3.14
C ARG A 15 -22.08 26.75 3.99
N LYS A 16 -22.68 25.84 4.75
CA LYS A 16 -23.97 25.99 5.43
C LYS A 16 -25.12 26.38 4.51
N TYR A 17 -25.21 25.76 3.33
CA TYR A 17 -26.34 25.91 2.46
C TYR A 17 -27.33 24.74 2.58
N THR A 18 -28.62 25.06 2.61
CA THR A 18 -29.65 24.01 2.55
C THR A 18 -29.73 23.50 1.11
N ALA A 19 -30.40 22.36 0.96
CA ALA A 19 -30.75 21.80 -0.33
C ALA A 19 -31.37 22.88 -1.20
N ALA A 20 -32.38 23.56 -0.67
CA ALA A 20 -33.04 24.60 -1.45
C ALA A 20 -32.13 25.73 -1.87
N GLN A 21 -31.23 26.16 -0.98
CA GLN A 21 -30.36 27.25 -1.25
C GLN A 21 -29.36 26.85 -2.27
N THR A 22 -28.86 25.62 -2.15
CA THR A 22 -27.85 25.11 -3.10
C THR A 22 -28.48 25.10 -4.54
N ALA A 23 -29.71 24.59 -4.63
CA ALA A 23 -30.39 24.48 -5.93
C ALA A 23 -30.55 25.87 -6.57
N ASP A 24 -30.94 26.87 -5.74
CA ASP A 24 -31.21 28.21 -6.21
C ASP A 24 -29.96 28.89 -6.67
N LEU A 25 -28.93 28.76 -5.85
CA LEU A 25 -27.61 29.25 -6.19
C LEU A 25 -27.04 28.66 -7.47
N ALA A 26 -27.28 27.37 -7.68
CA ALA A 26 -26.72 26.67 -8.82
C ALA A 26 -27.60 26.77 -10.09
N GLY A 27 -28.83 27.23 -9.90
CA GLY A 27 -29.83 27.36 -10.95
C GLY A 27 -30.40 26.01 -11.33
N LEU A 28 -30.59 25.16 -10.37
CA LEU A 28 -30.92 23.78 -10.67
C LEU A 28 -32.23 23.40 -10.06
N PRO A 29 -32.96 22.48 -10.68
CA PRO A 29 -34.16 21.95 -10.05
C PRO A 29 -33.87 21.30 -8.73
N LEU A 30 -34.67 21.59 -7.73
CA LEU A 30 -34.48 21.04 -6.41
C LEU A 30 -34.61 19.54 -6.37
N ASP A 31 -35.60 19.01 -7.08
CA ASP A 31 -35.81 17.58 -7.16
C ASP A 31 -34.60 16.87 -7.68
N ASP A 32 -33.91 17.48 -8.63
CA ASP A 32 -32.66 16.92 -9.11
C ASP A 32 -31.58 16.85 -7.99
N LEU A 33 -31.46 17.91 -7.22
CA LEU A 33 -30.46 17.92 -6.13
C LEU A 33 -30.79 16.93 -5.02
N ARG A 34 -32.08 16.82 -4.64
CA ARG A 34 -32.52 15.84 -3.65
C ARG A 34 -32.19 14.43 -4.13
N ARG A 35 -32.33 14.19 -5.42
CA ARG A 35 -31.98 12.88 -6.00
C ARG A 35 -30.47 12.63 -6.04
N LEU A 36 -29.71 13.64 -6.42
CA LEU A 36 -28.25 13.57 -6.36
C LEU A 36 -27.75 13.16 -4.95
N LEU A 37 -28.54 13.46 -3.91
CA LEU A 37 -28.28 12.96 -2.56
C LEU A 37 -28.96 11.56 -2.51
N GLY A 38 -28.32 10.60 -3.16
CA GLY A 38 -28.84 9.24 -3.40
C GLY A 38 -27.86 8.59 -4.36
N ASP A 39 -27.10 7.59 -3.87
CA ASP A 39 -25.77 7.24 -4.44
C ASP A 39 -25.73 7.28 -5.96
N GLU A 40 -26.48 6.42 -6.64
CA GLU A 40 -26.58 6.55 -8.09
C GLU A 40 -28.00 6.72 -8.61
N ALA A 41 -28.14 7.72 -9.48
CA ALA A 41 -29.23 7.82 -10.41
C ALA A 41 -28.59 8.21 -11.76
N ASN A 42 -29.44 8.57 -12.73
CA ASN A 42 -28.99 9.02 -14.07
C ASN A 42 -28.42 10.44 -14.08
N GLU A 43 -29.04 11.33 -13.31
CA GLU A 43 -28.74 12.77 -13.34
C GLU A 43 -27.30 13.17 -13.64
N PRO A 44 -26.34 12.76 -12.77
CA PRO A 44 -25.04 13.45 -12.73
C PRO A 44 -24.36 13.80 -14.07
N ASP A 45 -24.48 12.93 -15.08
CA ASP A 45 -23.69 13.07 -16.31
C ASP A 45 -24.13 14.29 -17.15
N PRO A 46 -25.40 14.32 -17.65
CA PRO A 46 -25.88 15.55 -18.31
C PRO A 46 -26.17 16.67 -17.31
N ALA A 47 -26.18 16.33 -16.02
CA ALA A 47 -26.30 17.31 -14.96
C ALA A 47 -25.25 18.42 -15.05
N ALA A 48 -25.53 19.44 -14.23
CA ALA A 48 -24.57 20.46 -13.93
C ALA A 48 -23.85 20.08 -12.60
N ALA A 49 -22.86 19.22 -12.75
CA ALA A 49 -21.80 19.09 -11.78
C ALA A 49 -21.09 20.43 -11.79
N THR A 50 -21.07 21.03 -12.97
CA THR A 50 -20.46 22.31 -13.21
C THR A 50 -21.13 23.47 -12.44
N ALA A 51 -22.46 23.50 -12.47
CA ALA A 51 -23.20 24.56 -11.78
C ALA A 51 -23.11 24.40 -10.23
N LEU A 52 -23.13 23.14 -9.78
CA LEU A 52 -23.03 22.83 -8.35
C LEU A 52 -21.63 23.21 -7.84
N ALA A 53 -20.63 22.95 -8.66
CA ALA A 53 -19.25 23.27 -8.33
C ALA A 53 -19.09 24.75 -8.15
N GLU A 54 -19.63 25.50 -9.10
CA GLU A 54 -19.49 26.94 -9.05
C GLU A 54 -20.20 27.45 -7.78
N ALA A 55 -21.41 26.96 -7.53
CA ALA A 55 -22.21 27.41 -6.38
C ALA A 55 -21.53 27.15 -5.00
N LEU A 56 -20.80 26.04 -4.92
CA LEU A 56 -20.17 25.56 -3.68
C LEU A 56 -18.70 25.97 -3.61
N SER A 57 -18.28 26.79 -4.55
CA SER A 57 -16.89 27.21 -4.70
C SER A 57 -15.83 26.10 -4.65
N VAL A 58 -16.09 25.00 -5.36
CA VAL A 58 -15.14 23.89 -5.51
C VAL A 58 -14.87 23.55 -6.97
N GLU A 59 -13.82 22.77 -7.17
CA GLU A 59 -13.50 22.23 -8.47
C GLU A 59 -14.42 21.04 -8.72
N PRO A 60 -14.88 20.87 -9.97
CA PRO A 60 -15.80 19.80 -10.26
C PRO A 60 -15.37 18.41 -9.76
N SER A 61 -14.06 18.15 -9.77
CA SER A 61 -13.48 16.87 -9.27
C SER A 61 -13.60 16.65 -7.77
N GLN A 62 -13.85 17.73 -7.03
CA GLN A 62 -14.12 17.58 -5.63
C GLN A 62 -15.54 17.07 -5.38
N LEU A 63 -16.40 17.06 -6.40
CA LEU A 63 -17.71 16.44 -6.26
C LEU A 63 -17.82 15.11 -7.01
N ALA A 64 -16.77 14.76 -7.74
CA ALA A 64 -16.78 13.57 -8.62
C ALA A 64 -16.79 12.25 -7.87
N ALA A 65 -17.63 11.33 -8.34
CA ALA A 65 -17.69 9.97 -7.78
C ALA A 65 -16.61 9.10 -8.40
N ASP A 66 -16.14 8.13 -7.65
CA ASP A 66 -15.10 7.25 -8.15
C ASP A 66 -15.70 6.31 -9.20
N ALA A 67 -14.91 6.02 -10.24
CA ALA A 67 -15.29 5.13 -11.34
C ALA A 67 -15.46 3.67 -10.88
N HIS A 68 -14.63 3.25 -9.94
CA HIS A 68 -14.93 2.03 -9.21
C HIS A 68 -16.11 2.36 -8.35
N ARG A 69 -17.18 1.60 -8.52
CA ARG A 69 -18.16 1.52 -7.48
C ARG A 69 -18.65 0.05 -7.38
N ASN A 70 -18.63 -0.45 -6.17
CA ASN A 70 -19.06 -1.81 -5.85
C ASN A 70 -18.18 -2.88 -6.43
N LEU A 71 -16.98 -2.53 -6.89
CA LEU A 71 -16.08 -3.57 -7.36
C LEU A 71 -15.83 -4.48 -6.22
N THR A 72 -15.71 -5.76 -6.51
CA THR A 72 -15.33 -6.75 -5.51
C THR A 72 -14.09 -7.51 -6.02
N VAL A 73 -14.19 -8.10 -7.19
CA VAL A 73 -13.13 -8.95 -7.74
C VAL A 73 -12.95 -8.59 -9.20
N VAL A 74 -11.68 -8.49 -9.63
CA VAL A 74 -11.31 -8.29 -11.05
C VAL A 74 -10.36 -9.44 -11.35
N HIS A 75 -10.47 -10.05 -12.53
CA HIS A 75 -9.59 -11.18 -12.89
C HIS A 75 -9.11 -11.06 -14.35
N LYS A 76 -8.01 -11.75 -14.67
CA LYS A 76 -7.31 -11.61 -15.93
C LYS A 76 -6.73 -12.94 -16.28
N SER A 77 -7.03 -13.45 -17.48
CA SER A 77 -6.69 -14.84 -17.75
C SER A 77 -5.21 -14.88 -18.14
N ALA A 78 -4.62 -16.07 -18.13
CA ALA A 78 -3.25 -16.26 -18.55
C ALA A 78 -3.12 -15.74 -19.96
N GLU A 79 -4.09 -16.04 -20.83
CA GLU A 79 -3.99 -15.61 -22.22
C GLU A 79 -3.95 -14.06 -22.31
N GLU A 80 -4.76 -13.36 -21.50
CA GLU A 80 -4.77 -11.89 -21.45
C GLU A 80 -3.47 -11.29 -20.92
N MET A 81 -2.93 -11.97 -19.92
CA MET A 81 -1.61 -11.57 -19.36
C MET A 81 -0.50 -11.68 -20.42
N HIS A 82 -0.47 -12.84 -21.09
CA HIS A 82 0.52 -13.05 -22.16
C HIS A 82 0.35 -12.03 -23.27
N ALA A 83 -0.92 -11.79 -23.65
CA ALA A 83 -1.21 -10.71 -24.65
C ALA A 83 -0.83 -9.27 -24.26
N SER A 84 -0.52 -9.04 -22.98
CA SER A 84 -0.15 -7.67 -22.52
C SER A 84 1.31 -7.38 -22.75
N ARG A 85 2.06 -8.42 -23.12
CA ARG A 85 3.50 -8.32 -23.32
C ARG A 85 3.95 -7.09 -24.10
N ARG A 86 4.90 -6.41 -23.50
CA ARG A 86 5.52 -5.20 -24.05
C ARG A 86 7.00 -5.41 -23.88
N PRO A 87 7.78 -5.37 -24.97
CA PRO A 87 9.26 -5.40 -24.86
C PRO A 87 9.76 -4.04 -24.37
N ILE A 88 10.83 -4.05 -23.59
CA ILE A 88 11.51 -2.87 -23.15
C ILE A 88 12.96 -2.98 -23.67
N GLN A 89 13.37 -2.00 -24.45
CA GLN A 89 14.77 -1.93 -24.96
C GLN A 89 15.49 -1.02 -24.05
N ARG A 90 16.72 -1.42 -23.68
CA ARG A 90 17.57 -0.60 -22.86
C ARG A 90 19.02 -1.01 -23.18
N ASP A 91 19.91 -0.02 -23.27
CA ASP A 91 21.33 -0.31 -23.50
C ASP A 91 21.55 -1.11 -24.79
N GLY A 92 20.80 -0.76 -25.82
CA GLY A 92 20.91 -1.37 -27.14
C GLY A 92 20.34 -2.78 -27.31
N ILE A 93 19.67 -3.32 -26.26
CA ILE A 93 19.26 -4.70 -26.33
C ILE A 93 17.83 -4.79 -25.87
N HIS A 94 17.23 -5.91 -26.22
CA HIS A 94 15.94 -6.29 -25.68
C HIS A 94 16.24 -6.77 -24.24
N PHE A 95 15.81 -5.92 -23.29
CA PHE A 95 16.29 -5.93 -21.87
C PHE A 95 15.27 -6.66 -20.93
N TYR A 96 14.01 -6.33 -21.15
CA TYR A 96 12.89 -7.00 -20.47
C TYR A 96 11.69 -7.20 -21.41
N ASN A 97 10.82 -8.13 -21.02
CA ASN A 97 9.40 -8.08 -21.42
C ASN A 97 8.61 -7.78 -20.16
N TYR A 98 7.60 -6.96 -20.30
CA TYR A 98 6.72 -6.73 -19.16
C TYR A 98 5.26 -7.00 -19.44
N TYR A 99 4.67 -7.64 -18.43
CA TYR A 99 3.32 -8.09 -18.44
C TYR A 99 2.60 -7.52 -17.21
N THR A 100 1.31 -7.21 -17.39
CA THR A 100 0.46 -6.67 -16.31
C THR A 100 -0.52 -7.73 -15.81
N LEU A 101 -0.56 -7.90 -14.47
CA LEU A 101 -1.60 -8.69 -13.83
C LEU A 101 -2.89 -7.92 -13.57
N ALA A 102 -3.91 -8.65 -13.11
CA ALA A 102 -5.19 -8.04 -12.85
C ALA A 102 -5.18 -6.86 -11.90
N ALA A 103 -5.96 -5.85 -12.28
CA ALA A 103 -6.16 -4.69 -11.46
C ALA A 103 -7.41 -3.93 -11.87
N PRO A 104 -8.07 -3.22 -10.92
CA PRO A 104 -9.18 -2.37 -11.37
C PRO A 104 -8.72 -1.36 -12.45
N GLU A 105 -9.60 -0.98 -13.36
CA GLU A 105 -9.17 -0.12 -14.45
C GLU A 105 -8.66 1.18 -13.87
N GLY A 106 -7.54 1.66 -14.39
CA GLY A 106 -6.97 2.91 -13.88
C GLY A 106 -5.94 2.72 -12.79
N ARG A 107 -6.00 1.61 -12.05
CA ARG A 107 -5.14 1.45 -10.88
C ARG A 107 -3.81 0.85 -11.36
N VAL A 108 -2.85 0.80 -10.44
CA VAL A 108 -1.53 0.35 -10.77
C VAL A 108 -1.58 -1.16 -10.83
N ALA A 109 -1.22 -1.73 -11.97
CA ALA A 109 -1.26 -3.19 -12.11
C ALA A 109 0.11 -3.75 -11.69
N PRO A 110 0.13 -4.85 -10.91
CA PRO A 110 1.35 -5.65 -10.62
C PRO A 110 2.03 -6.07 -11.93
N VAL A 111 3.35 -6.20 -11.92
CA VAL A 111 4.11 -6.42 -13.16
C VAL A 111 4.89 -7.72 -13.07
N VAL A 112 4.84 -8.51 -14.13
CA VAL A 112 5.75 -9.60 -14.32
C VAL A 112 6.76 -9.22 -15.37
N LEU A 113 8.05 -9.48 -15.07
CA LEU A 113 9.13 -9.27 -16.04
C LEU A 113 9.88 -10.51 -16.45
N ASP A 114 10.06 -10.65 -17.73
CA ASP A 114 11.09 -11.54 -18.27
C ASP A 114 12.44 -10.78 -18.10
N ILE A 115 13.44 -11.44 -17.51
CA ILE A 115 14.78 -10.89 -17.32
C ILE A 115 15.65 -11.35 -18.49
N LEU A 116 15.93 -10.44 -19.40
CA LEU A 116 16.65 -10.82 -20.62
C LEU A 116 18.04 -10.30 -20.81
N CYS A 117 18.45 -9.42 -19.95
CA CYS A 117 19.83 -8.99 -19.97
C CYS A 117 20.73 -10.15 -19.57
N PRO A 118 21.67 -10.53 -20.47
CA PRO A 118 22.48 -11.72 -20.21
C PRO A 118 23.53 -11.48 -19.11
N SER A 119 24.10 -12.58 -18.65
CA SER A 119 25.00 -12.59 -17.49
C SER A 119 26.26 -11.86 -17.80
N ASP A 120 26.61 -11.70 -19.09
CA ASP A 120 27.91 -11.05 -19.40
C ASP A 120 27.70 -9.55 -19.77
N ARG A 121 26.55 -8.99 -19.39
CA ARG A 121 26.34 -7.59 -19.56
C ARG A 121 25.84 -7.05 -18.23
N LEU A 122 26.48 -6.00 -17.76
CA LEU A 122 26.05 -5.38 -16.52
C LEU A 122 24.72 -4.63 -16.83
N PRO A 123 23.65 -4.91 -16.05
CA PRO A 123 22.37 -4.40 -16.41
C PRO A 123 22.22 -2.90 -16.05
N ALA A 124 21.91 -2.08 -17.03
CA ALA A 124 21.88 -0.64 -16.87
C ALA A 124 20.76 -0.34 -15.89
N LEU A 125 20.99 0.62 -15.00
CA LEU A 125 20.00 0.96 -13.96
C LEU A 125 18.80 1.73 -14.47
N ASN A 126 17.63 1.59 -13.81
CA ASN A 126 16.55 2.53 -14.02
C ASN A 126 16.74 3.77 -13.11
N ASN A 127 15.75 4.67 -13.12
CA ASN A 127 15.79 5.87 -12.28
C ASN A 127 15.31 5.71 -10.83
N GLY A 128 14.63 4.63 -10.51
CA GLY A 128 14.03 4.53 -9.14
C GLY A 128 12.63 5.15 -9.14
N HIS A 129 11.81 4.89 -8.13
CA HIS A 129 10.47 5.42 -8.04
C HIS A 129 10.10 5.53 -6.58
N LEU A 130 9.14 6.36 -6.27
CA LEU A 130 8.77 6.60 -4.89
C LEU A 130 8.29 5.33 -4.21
N GLU A 131 7.48 4.58 -4.92
CA GLU A 131 6.89 3.38 -4.35
C GLU A 131 7.91 2.33 -3.90
N PRO A 132 7.65 1.77 -2.71
CA PRO A 132 8.41 0.61 -2.27
C PRO A 132 7.85 -0.63 -3.00
N ALA A 133 8.61 -1.69 -3.14
CA ALA A 133 8.09 -2.89 -3.80
C ALA A 133 8.61 -4.17 -3.14
N ILE A 134 7.80 -5.24 -3.20
CA ILE A 134 8.31 -6.59 -2.93
C ILE A 134 8.66 -7.14 -4.33
N THR A 135 9.82 -7.78 -4.43
CA THR A 135 10.29 -8.41 -5.63
C THR A 135 10.64 -9.84 -5.30
N VAL A 136 10.10 -10.70 -6.12
CA VAL A 136 10.29 -12.15 -5.95
C VAL A 136 10.72 -12.78 -7.28
N ASN A 137 11.68 -13.68 -7.18
CA ASN A 137 12.14 -14.43 -8.34
C ASN A 137 11.21 -15.62 -8.58
N LEU A 138 10.57 -15.65 -9.72
CA LEU A 138 9.71 -16.80 -10.10
C LEU A 138 10.54 -17.99 -10.70
N GLY A 139 11.76 -17.74 -11.01
CA GLY A 139 12.58 -18.72 -11.73
C GLY A 139 12.32 -18.88 -13.24
N PRO A 140 12.84 -19.94 -13.85
CA PRO A 140 13.56 -21.02 -13.18
C PRO A 140 15.01 -20.69 -12.85
N GLY A 141 15.53 -19.59 -13.38
CA GLY A 141 16.95 -19.24 -13.25
C GLY A 141 17.23 -18.17 -12.17
N ASP A 142 18.42 -18.26 -11.59
CA ASP A 142 18.97 -17.20 -10.70
C ASP A 142 19.15 -15.93 -11.50
N ILE A 143 18.94 -14.79 -10.85
CA ILE A 143 19.21 -13.49 -11.45
C ILE A 143 20.10 -12.67 -10.57
N ASN A 144 20.78 -11.74 -11.21
CA ASN A 144 21.51 -10.73 -10.46
C ASN A 144 20.62 -9.55 -10.19
N GLY A 145 20.63 -9.07 -8.94
CA GLY A 145 20.07 -7.81 -8.59
C GLY A 145 21.15 -6.74 -8.46
N ARG A 146 20.88 -5.58 -9.04
CA ARG A 146 21.77 -4.40 -8.97
C ARG A 146 21.07 -3.20 -8.37
N TRP A 147 21.73 -2.57 -7.36
CA TRP A 147 21.16 -1.41 -6.61
C TRP A 147 22.10 -0.21 -6.49
N GLY A 148 23.08 -0.09 -7.38
CA GLY A 148 24.08 1.02 -7.32
C GLY A 148 25.00 0.99 -8.54
N GLU A 149 25.73 2.08 -8.74
CA GLU A 149 26.59 2.26 -9.86
C GLU A 149 27.77 1.35 -9.77
N GLU A 150 28.40 1.37 -8.62
CA GLU A 150 29.58 0.60 -8.35
C GLU A 150 29.13 -0.85 -7.98
N ILE A 151 29.85 -1.86 -8.45
CA ILE A 151 29.61 -3.28 -8.08
C ILE A 151 30.35 -3.74 -6.84
N THR A 152 29.60 -3.96 -5.78
CA THR A 152 30.08 -4.30 -4.46
C THR A 152 29.09 -5.31 -3.85
N PRO A 153 29.42 -5.96 -2.73
CA PRO A 153 28.44 -6.84 -2.10
C PRO A 153 27.18 -6.14 -1.68
N GLN A 154 27.24 -4.85 -1.42
CA GLN A 154 26.06 -4.14 -0.97
C GLN A 154 25.20 -3.72 -2.15
N THR A 155 25.74 -3.77 -3.36
CA THR A 155 24.96 -3.27 -4.51
C THR A 155 24.68 -4.30 -5.60
N TRP A 156 25.02 -5.56 -5.38
CA TRP A 156 25.01 -6.57 -6.45
C TRP A 156 24.89 -7.87 -5.69
N ARG A 157 23.76 -8.57 -5.87
CA ARG A 157 23.54 -9.82 -5.13
C ARG A 157 22.62 -10.70 -5.95
N VAL A 158 22.86 -12.00 -5.86
CA VAL A 158 22.03 -12.98 -6.59
C VAL A 158 20.68 -13.25 -5.85
N LEU A 159 19.60 -13.02 -6.57
CA LEU A 159 18.30 -13.49 -6.15
C LEU A 159 18.07 -14.86 -6.76
N HIS A 160 18.16 -15.86 -5.92
CA HIS A 160 18.13 -17.24 -6.34
C HIS A 160 16.71 -17.64 -6.68
N ALA A 161 16.59 -18.58 -7.58
CA ALA A 161 15.40 -19.31 -7.84
C ALA A 161 15.52 -20.61 -7.13
N ASN A 162 14.39 -21.18 -6.74
CA ASN A 162 14.36 -22.50 -6.09
C ASN A 162 14.61 -23.57 -7.18
N HIS A 163 15.70 -24.36 -7.01
CA HIS A 163 15.99 -25.45 -7.92
C HIS A 163 15.47 -26.82 -7.41
N GLY A 164 14.97 -26.85 -6.17
CA GLY A 164 14.72 -28.11 -5.44
C GLY A 164 13.29 -28.48 -5.60
N GLY A 165 12.79 -29.25 -4.65
CA GLY A 165 11.37 -29.42 -4.53
C GLY A 165 10.78 -28.22 -3.76
N ASP A 166 9.48 -28.26 -3.62
CA ASP A 166 8.77 -27.22 -2.89
C ASP A 166 8.86 -25.97 -3.71
N ARG A 167 8.61 -26.08 -5.02
CA ARG A 167 8.70 -25.01 -5.94
C ARG A 167 7.53 -24.04 -5.81
N TRP A 168 6.54 -24.38 -5.01
CA TRP A 168 5.55 -23.39 -4.63
C TRP A 168 6.21 -22.17 -3.94
N ILE A 169 7.36 -22.38 -3.34
CA ILE A 169 8.24 -21.27 -2.92
C ILE A 169 9.17 -21.08 -4.07
N THR A 170 8.93 -20.02 -4.83
CA THR A 170 9.49 -19.92 -6.14
C THR A 170 10.98 -19.49 -6.13
N GLY A 171 11.36 -18.72 -5.13
CA GLY A 171 12.66 -18.05 -5.09
C GLY A 171 12.82 -17.04 -3.95
N ASP A 172 13.99 -16.45 -3.91
CA ASP A 172 14.30 -15.41 -2.95
C ASP A 172 13.36 -14.21 -3.19
N SER A 173 13.16 -13.41 -2.14
CA SER A 173 12.43 -12.17 -2.25
C SER A 173 13.08 -11.10 -1.42
N TYR A 174 12.82 -9.86 -1.77
CA TYR A 174 13.25 -8.75 -0.95
C TYR A 174 12.36 -7.52 -1.16
N VAL A 175 12.54 -6.56 -0.25
CA VAL A 175 11.85 -5.30 -0.33
C VAL A 175 12.85 -4.27 -0.76
N HIS A 176 12.43 -3.59 -1.83
N HIS A 176 12.66 -3.71 -1.95
CA HIS A 176 13.18 -2.57 -2.47
CA HIS A 176 13.59 -2.71 -2.46
C HIS A 176 12.81 -1.28 -1.75
C HIS A 176 13.03 -1.36 -2.06
N PRO A 177 13.84 -0.53 -1.36
CA PRO A 177 13.46 0.70 -0.72
C PRO A 177 12.99 1.76 -1.74
N SER A 178 12.18 2.69 -1.27
CA SER A 178 11.75 3.85 -2.04
C SER A 178 12.96 4.57 -2.69
N TYR A 179 12.82 4.89 -3.96
CA TYR A 179 13.75 5.67 -4.74
C TYR A 179 15.06 5.04 -5.17
N CYS A 180 15.34 3.82 -4.69
N CYS A 180 15.45 3.89 -4.61
CA CYS A 180 16.58 3.13 -5.03
CA CYS A 180 16.77 3.39 -4.96
C CYS A 180 16.52 2.72 -6.51
C CYS A 180 16.65 2.72 -6.36
N PRO A 181 17.50 3.16 -7.31
CA PRO A 181 17.52 2.67 -8.69
C PRO A 181 17.85 1.18 -8.71
N HIS A 182 17.28 0.44 -9.65
CA HIS A 182 17.47 -1.01 -9.62
C HIS A 182 17.42 -1.58 -11.02
N SER A 183 18.04 -2.73 -11.20
CA SER A 183 17.88 -3.49 -12.44
C SER A 183 18.30 -4.89 -12.22
N TYR A 184 18.08 -5.74 -13.24
CA TYR A 184 18.35 -7.17 -13.09
C TYR A 184 18.95 -7.75 -14.37
N SER A 185 19.83 -8.76 -14.24
CA SER A 185 20.24 -9.57 -15.34
C SER A 185 20.18 -11.01 -14.98
N LEU A 186 20.34 -11.89 -15.96
CA LEU A 186 20.43 -13.29 -15.67
C LEU A 186 21.77 -13.63 -15.01
N ALA A 187 21.75 -14.46 -13.99
CA ALA A 187 22.98 -14.87 -13.38
C ALA A 187 23.73 -15.88 -14.27
N GLY A 188 23.04 -16.58 -15.15
CA GLY A 188 23.70 -17.53 -16.06
C GLY A 188 22.89 -17.70 -17.28
N ASP A 189 22.83 -18.97 -17.75
CA ASP A 189 22.14 -19.21 -19.00
C ASP A 189 20.63 -19.42 -18.87
N ALA A 190 20.20 -19.99 -17.77
CA ALA A 190 18.75 -20.30 -17.56
C ALA A 190 17.93 -19.04 -17.54
N PRO A 191 16.76 -19.07 -18.23
CA PRO A 191 15.89 -17.95 -18.19
C PRO A 191 15.23 -17.72 -16.80
N ALA A 192 14.72 -16.51 -16.62
CA ALA A 192 13.97 -16.13 -15.36
C ALA A 192 12.97 -15.03 -15.55
N ARG A 193 11.94 -15.11 -14.68
CA ARG A 193 10.94 -14.05 -14.51
C ARG A 193 10.85 -13.60 -13.08
N ILE A 194 10.47 -12.34 -12.88
CA ILE A 194 10.20 -11.81 -11.52
C ILE A 194 8.80 -11.23 -11.44
N VAL A 195 8.23 -11.17 -10.23
CA VAL A 195 7.13 -10.23 -9.97
C VAL A 195 7.65 -9.09 -9.19
N SER A 196 7.28 -7.87 -9.62
CA SER A 196 7.58 -6.67 -8.87
C SER A 196 6.24 -6.10 -8.47
N TYR A 197 5.99 -6.06 -7.17
CA TYR A 197 4.74 -5.65 -6.58
C TYR A 197 4.94 -4.38 -5.71
N THR A 198 4.39 -3.28 -6.19
CA THR A 198 4.52 -2.00 -5.49
C THR A 198 3.29 -1.76 -4.58
N ALA A 199 3.51 -1.05 -3.51
CA ALA A 199 2.36 -0.61 -2.71
C ALA A 199 2.29 0.88 -2.93
N GLN A 200 1.15 1.46 -2.57
CA GLN A 200 1.03 2.95 -2.44
C GLN A 200 2.04 3.47 -1.49
N SER A 201 2.63 4.62 -1.81
CA SER A 201 3.51 5.31 -0.88
C SER A 201 2.61 6.09 0.09
N ASN A 202 2.81 5.89 1.35
CA ASN A 202 2.00 6.61 2.32
C ASN A 202 2.46 8.02 2.57
N ILE A 203 3.60 8.40 1.98
CA ILE A 203 4.13 9.78 2.12
C ILE A 203 3.67 10.58 0.87
N SER A 204 3.03 9.87 -0.05
CA SER A 204 2.64 10.51 -1.27
C SER A 204 1.66 11.68 -1.11
N PRO A 205 0.61 11.52 -0.25
CA PRO A 205 -0.31 12.61 -0.05
C PRO A 205 0.40 13.88 0.52
N LEU A 206 1.27 13.69 1.49
CA LEU A 206 2.15 14.76 2.05
C LEU A 206 2.97 15.41 0.94
N MET A 207 3.65 14.58 0.15
CA MET A 207 4.49 15.12 -0.92
C MET A 207 3.72 15.91 -1.95
N THR A 208 2.54 15.44 -2.27
CA THR A 208 1.72 16.11 -3.26
C THR A 208 1.39 17.53 -2.80
N GLU A 209 1.05 17.66 -1.50
CA GLU A 209 0.70 18.97 -0.92
C GLU A 209 1.92 19.81 -0.71
N ALA A 210 3.01 19.19 -0.25
CA ALA A 210 4.26 19.89 -0.05
C ALA A 210 4.85 20.48 -1.29
N ASN A 211 4.73 19.79 -2.41
CA ASN A 211 5.14 20.30 -3.72
C ASN A 211 4.50 21.64 -3.98
N ASN A 212 3.30 21.90 -3.43
CA ASN A 212 2.56 23.12 -3.67
C ASN A 212 2.83 24.19 -2.63
N TRP A 213 3.46 23.82 -1.52
CA TRP A 213 3.94 24.86 -0.64
C TRP A 213 4.96 25.79 -1.26
N SER A 214 5.03 27.00 -0.73
CA SER A 214 6.14 27.88 -1.12
C SER A 214 7.51 27.26 -0.84
N THR A 215 8.52 27.70 -1.59
CA THR A 215 9.85 27.15 -1.30
C THR A 215 10.31 27.43 0.12
N GLY A 216 10.08 28.66 0.65
CA GLY A 216 10.41 28.91 2.06
C GLY A 216 9.84 27.96 3.07
N ALA A 217 8.57 27.66 2.93
CA ALA A 217 7.91 26.76 3.84
C ALA A 217 8.44 25.32 3.64
N PHE A 218 8.70 24.96 2.41
CA PHE A 218 9.30 23.62 2.10
C PHE A 218 10.65 23.42 2.79
N GLU A 219 11.50 24.47 2.77
CA GLU A 219 12.80 24.41 3.43
C GLU A 219 12.68 24.34 4.92
N GLU A 220 11.68 25.07 5.46
CA GLU A 220 11.43 24.99 6.88
C GLU A 220 10.97 23.57 7.26
N ALA A 221 10.11 23.00 6.43
CA ALA A 221 9.70 21.61 6.71
C ALA A 221 10.87 20.63 6.71
N LEU A 222 11.77 20.78 5.77
CA LEU A 222 12.93 19.89 5.69
C LEU A 222 13.83 19.97 6.90
N LYS A 223 14.11 21.19 7.36
CA LYS A 223 14.87 21.43 8.53
C LYS A 223 14.24 20.77 9.73
N ALA A 224 12.93 20.95 9.87
CA ALA A 224 12.19 20.32 10.92
C ALA A 224 12.36 18.79 10.91
N LEU A 225 12.54 18.19 9.72
CA LEU A 225 12.66 16.76 9.55
C LEU A 225 14.09 16.19 9.43
N SER A 226 15.11 17.01 9.66
CA SER A 226 16.48 16.56 9.43
C SER A 226 17.09 16.01 10.69
N GLY A 227 18.15 15.23 10.53
CA GLY A 227 18.83 14.63 11.67
C GLY A 227 18.01 13.43 12.06
N LYS A 228 18.05 13.05 13.32
CA LYS A 228 17.15 11.97 13.72
C LYS A 228 15.87 12.60 14.23
N VAL A 229 14.77 12.05 13.74
CA VAL A 229 13.41 12.50 14.06
C VAL A 229 13.04 11.75 15.32
N SER A 230 13.37 12.33 16.47
CA SER A 230 13.28 11.66 17.75
C SER A 230 12.04 11.97 18.52
N ALA A 231 11.85 11.33 19.67
CA ALA A 231 10.69 11.64 20.48
C ALA A 231 10.79 13.12 20.84
N GLY A 232 11.97 13.60 21.16
CA GLY A 232 12.09 15.01 21.58
C GLY A 232 11.83 16.01 20.52
N SER A 233 12.31 15.73 19.31
CA SER A 233 12.19 16.73 18.21
C SER A 233 10.76 16.79 17.82
N VAL A 234 10.11 15.63 17.69
CA VAL A 234 8.69 15.61 17.44
C VAL A 234 7.87 16.28 18.57
N LEU A 235 8.14 15.94 19.83
CA LEU A 235 7.37 16.51 20.92
C LEU A 235 7.50 18.05 20.89
N ASP A 236 8.66 18.56 20.57
CA ASP A 236 8.83 20.02 20.61
C ASP A 236 8.01 20.72 19.51
N LEU A 237 7.80 20.02 18.43
CA LEU A 237 6.92 20.58 17.36
C LEU A 237 5.46 20.50 17.87
N PHE A 238 5.10 19.41 18.56
CA PHE A 238 3.76 19.32 19.15
C PHE A 238 3.52 20.43 20.20
N LEU A 239 4.54 20.74 20.98
CA LEU A 239 4.34 21.72 22.03
C LEU A 239 4.23 23.14 21.43
N ALA A 240 5.13 23.49 20.51
CA ALA A 240 5.04 24.75 19.74
C ALA A 240 3.71 24.96 19.07
N ARG A 241 3.14 23.87 18.56
CA ARG A 241 1.85 23.91 17.99
C ARG A 241 0.82 24.43 18.94
N ARG A 242 0.91 24.04 20.19
CA ARG A 242 0.00 24.37 21.24
C ARG A 242 0.43 25.54 22.10
N ALA A 243 1.39 26.31 21.63
CA ALA A 243 1.93 27.50 22.33
C ALA A 243 2.37 27.13 23.73
N HIS A 244 3.04 25.99 23.76
CA HIS A 244 3.68 25.47 25.00
C HIS A 244 5.16 25.33 24.84
N THR A 245 5.86 25.37 25.98
CA THR A 245 7.28 25.02 26.09
C THR A 245 7.37 23.72 26.89
N ARG A 246 8.55 23.10 26.93
CA ARG A 246 8.73 21.94 27.79
C ARG A 246 8.36 22.23 29.23
N THR A 247 8.76 23.39 29.75
CA THR A 247 8.35 23.81 31.07
C THR A 247 6.86 23.98 31.32
N SER A 248 6.10 24.72 30.46
CA SER A 248 4.70 24.88 30.66
C SER A 248 3.97 23.55 30.45
N ALA A 249 4.44 22.70 29.53
CA ALA A 249 3.77 21.41 29.24
C ALA A 249 3.86 20.48 30.46
N ALA A 250 5.06 20.39 31.00
CA ALA A 250 5.28 19.53 32.19
C ALA A 250 4.43 19.99 33.39
N GLU A 251 4.45 21.26 33.68
CA GLU A 251 3.46 21.83 34.60
C GLU A 251 1.96 21.54 34.36
N ALA A 252 1.47 21.68 33.13
CA ALA A 252 0.09 21.40 32.83
C ALA A 252 -0.21 19.95 33.10
N ALA A 253 0.76 19.07 32.90
CA ALA A 253 0.46 17.63 33.02
C ALA A 253 0.72 17.08 34.42
N GLY A 254 1.27 17.92 35.30
CA GLY A 254 1.71 17.50 36.65
C GLY A 254 2.97 16.67 36.68
N VAL A 255 3.89 16.84 35.71
CA VAL A 255 5.06 16.00 35.53
C VAL A 255 6.30 16.75 35.84
N PRO A 256 7.17 16.17 36.70
CA PRO A 256 8.41 16.85 36.96
C PRO A 256 9.30 16.96 35.77
N PRO A 257 9.93 18.13 35.62
CA PRO A 257 10.86 18.38 34.55
C PRO A 257 11.83 17.27 34.20
N ALA A 258 12.48 16.71 35.21
CA ALA A 258 13.41 15.61 35.04
C ALA A 258 12.80 14.30 34.55
N ASP A 259 11.55 14.05 34.88
CA ASP A 259 10.84 12.87 34.41
C ASP A 259 10.52 13.04 32.88
N LEU A 260 10.17 14.24 32.42
CA LEU A 260 10.01 14.46 30.95
C LEU A 260 11.29 14.21 30.18
N GLU A 261 12.42 14.75 30.63
CA GLU A 261 13.71 14.49 29.99
C GLU A 261 14.07 13.00 29.99
N ALA A 262 13.80 12.34 31.09
CA ALA A 262 14.13 10.89 31.19
C ALA A 262 13.27 10.11 30.21
N ALA A 263 12.00 10.50 30.11
CA ALA A 263 11.07 9.86 29.14
C ALA A 263 11.46 10.02 27.68
N LEU A 264 12.01 11.18 27.33
CA LEU A 264 12.44 11.43 25.97
C LEU A 264 13.71 10.65 25.64
N ARG A 265 14.51 10.28 26.66
CA ARG A 265 15.68 9.42 26.42
C ARG A 265 15.29 7.95 26.17
N SER A 266 14.21 7.49 26.78
CA SER A 266 13.75 6.11 26.64
C SER A 266 12.23 6.08 26.61
N PRO A 267 11.65 6.55 25.48
CA PRO A 267 10.20 6.64 25.32
C PRO A 267 9.46 5.29 25.40
N ALA A 268 10.14 4.23 25.02
CA ALA A 268 9.58 2.88 25.17
C ALA A 268 9.87 2.16 26.48
N SER A 269 10.44 2.87 27.44
CA SER A 269 10.66 2.38 28.84
C SER A 269 9.41 2.57 29.69
N GLU A 270 9.49 2.09 30.92
CA GLU A 270 8.35 2.11 31.83
C GLU A 270 8.08 3.50 32.31
N THR A 271 9.10 4.24 32.75
CA THR A 271 8.84 5.64 33.01
C THR A 271 8.32 6.28 31.73
N GLY A 272 8.94 5.96 30.58
CA GLY A 272 8.77 6.75 29.39
C GLY A 272 7.33 6.76 28.91
N LEU A 273 6.80 5.58 28.72
CA LEU A 273 5.46 5.50 28.15
C LEU A 273 4.43 6.20 29.06
N THR A 274 4.53 6.02 30.39
CA THR A 274 3.56 6.67 31.29
C THR A 274 3.62 8.20 31.33
N VAL A 275 4.84 8.75 31.27
CA VAL A 275 5.05 10.21 31.21
C VAL A 275 4.44 10.76 29.89
N LEU A 276 4.78 10.13 28.77
CA LEU A 276 4.31 10.64 27.47
C LEU A 276 2.79 10.55 27.32
N ARG A 277 2.22 9.51 27.91
N ARG A 277 2.13 9.53 27.86
CA ARG A 277 0.79 9.33 27.88
CA ARG A 277 0.69 9.56 27.75
C ARG A 277 0.10 10.40 28.72
C ARG A 277 0.03 10.47 28.75
N THR A 278 0.67 10.69 29.88
CA THR A 278 0.12 11.68 30.79
C THR A 278 0.20 13.08 30.12
N LEU A 279 1.34 13.36 29.47
CA LEU A 279 1.46 14.58 28.69
C LEU A 279 0.46 14.67 27.54
N GLY A 280 0.30 13.56 26.80
CA GLY A 280 -0.67 13.56 25.69
C GLY A 280 -2.08 13.80 26.14
N ARG A 281 -2.47 13.18 27.22
CA ARG A 281 -3.85 13.36 27.78
C ARG A 281 -4.05 14.82 28.10
N ALA A 282 -3.04 15.43 28.74
CA ALA A 282 -3.17 16.79 29.24
C ALA A 282 -3.22 17.83 28.15
N LEU A 283 -2.40 17.63 27.11
CA LEU A 283 -2.23 18.59 25.98
C LEU A 283 -2.99 18.31 24.71
N GLY A 284 -3.59 17.12 24.64
CA GLY A 284 -4.44 16.80 23.50
C GLY A 284 -3.66 16.23 22.31
N PHE A 285 -2.75 15.31 22.55
CA PHE A 285 -2.08 14.59 21.47
C PHE A 285 -1.97 13.10 21.75
N ASP A 286 -1.64 12.35 20.70
CA ASP A 286 -1.49 10.89 20.78
C ASP A 286 -0.02 10.51 20.99
N TYR A 287 0.27 10.01 22.20
CA TYR A 287 1.60 9.68 22.55
C TYR A 287 2.22 8.59 21.68
N ARG A 288 1.41 7.78 21.02
CA ARG A 288 1.95 6.63 20.29
C ARG A 288 2.96 7.00 19.16
N VAL A 289 2.72 8.15 18.48
CA VAL A 289 3.58 8.59 17.46
C VAL A 289 4.92 9.09 17.94
N LEU A 290 5.13 9.20 19.27
CA LEU A 290 6.43 9.54 19.85
C LEU A 290 7.28 8.31 20.23
N LEU A 291 6.70 7.12 20.14
CA LEU A 291 7.45 5.91 20.48
C LEU A 291 8.38 5.54 19.29
N PRO A 292 9.46 4.86 19.59
CA PRO A 292 10.45 4.43 18.60
C PRO A 292 9.95 3.40 17.60
N ALA A 293 10.29 3.63 16.34
CA ALA A 293 10.39 2.61 15.34
C ALA A 293 11.90 2.24 15.17
N ASP A 294 12.16 1.15 14.47
CA ASP A 294 13.55 0.76 14.23
C ASP A 294 14.36 1.76 13.42
N ASP A 295 15.65 1.88 13.73
CA ASP A 295 16.56 2.70 12.95
C ASP A 295 16.46 2.12 11.55
N GLN A 296 16.62 2.95 10.55
CA GLN A 296 16.43 2.47 9.19
C GLN A 296 17.76 1.96 8.59
N HIS A 297 17.76 1.04 7.62
CA HIS A 297 19.03 0.64 6.97
C HIS A 297 18.91 0.40 5.47
N ASP A 298 19.48 1.30 4.65
CA ASP A 298 19.16 1.36 3.19
C ASP A 298 19.76 0.24 2.32
N GLY A 299 20.55 -0.65 2.91
CA GLY A 299 20.87 -1.92 2.26
C GLY A 299 19.63 -2.71 1.93
N VAL A 300 19.80 -3.81 1.22
CA VAL A 300 18.71 -4.76 0.98
C VAL A 300 18.87 -5.96 1.93
N GLY A 301 20.01 -6.03 2.64
CA GLY A 301 20.29 -7.07 3.63
C GLY A 301 19.25 -7.31 4.70
N LYS A 302 18.64 -6.24 5.25
CA LYS A 302 17.73 -6.41 6.37
C LYS A 302 16.47 -7.11 5.92
N THR A 303 15.94 -6.84 4.73
CA THR A 303 14.64 -7.45 4.43
C THR A 303 14.79 -8.73 3.63
N TRP A 304 15.95 -8.87 3.02
CA TRP A 304 16.23 -10.03 2.16
C TRP A 304 15.69 -11.34 2.75
N THR A 305 14.95 -12.09 1.94
CA THR A 305 14.35 -13.35 2.41
C THR A 305 14.72 -14.47 1.42
N THR A 306 15.44 -15.47 1.92
CA THR A 306 15.94 -16.55 1.06
C THR A 306 14.86 -17.61 0.90
N ILE A 307 15.07 -18.52 -0.06
CA ILE A 307 14.21 -19.68 -0.18
C ILE A 307 14.11 -20.43 1.17
N GLU A 308 15.24 -20.62 1.80
CA GLU A 308 15.29 -21.37 3.04
C GLU A 308 14.57 -20.64 4.13
N ASP A 309 14.73 -19.32 4.21
CA ASP A 309 13.88 -18.53 5.12
C ASP A 309 12.40 -18.85 4.87
N SER A 310 11.95 -18.79 3.61
CA SER A 310 10.56 -19.00 3.36
C SER A 310 10.13 -20.47 3.74
N ARG A 311 11.00 -21.42 3.44
CA ARG A 311 10.74 -22.81 3.84
C ARG A 311 10.57 -22.95 5.34
N ARG A 312 11.45 -22.28 6.09
CA ARG A 312 11.41 -22.39 7.58
C ARG A 312 10.16 -21.77 8.11
N SER A 313 9.62 -20.77 7.36
CA SER A 313 8.39 -20.09 7.77
C SER A 313 7.13 -20.91 7.52
N ARG A 314 7.22 -22.06 6.87
CA ARG A 314 6.00 -22.72 6.47
C ARG A 314 5.03 -22.98 7.59
N ARG A 315 3.76 -22.80 7.30
CA ARG A 315 2.70 -23.07 8.28
C ARG A 315 1.38 -23.39 7.65
N THR A 316 0.54 -24.11 8.39
CA THR A 316 -0.85 -24.23 8.00
C THR A 316 -1.62 -22.95 8.32
N PHE A 317 -2.38 -22.46 7.34
CA PHE A 317 -3.25 -21.30 7.44
C PHE A 317 -4.63 -21.70 6.93
N GLY A 318 -5.52 -22.06 7.86
CA GLY A 318 -6.81 -22.66 7.49
C GLY A 318 -6.62 -23.90 6.63
N THR A 319 -7.18 -23.86 5.43
CA THR A 319 -7.02 -24.95 4.46
C THR A 319 -5.81 -24.83 3.58
N TYR A 320 -5.04 -23.76 3.75
CA TYR A 320 -3.86 -23.53 2.91
C TYR A 320 -2.59 -23.88 3.62
N GLU A 321 -1.49 -24.10 2.86
CA GLU A 321 -0.14 -24.00 3.42
C GLU A 321 0.47 -22.65 2.98
N ALA A 322 1.07 -21.94 3.92
CA ALA A 322 1.56 -20.55 3.64
C ALA A 322 3.03 -20.46 3.91
N ALA A 323 3.77 -19.66 3.12
CA ALA A 323 5.11 -19.33 3.47
C ALA A 323 5.31 -17.82 3.20
N SER A 324 6.18 -17.21 3.98
CA SER A 324 6.41 -15.77 3.89
C SER A 324 7.35 -15.32 2.83
N MET A 325 6.98 -14.24 2.16
CA MET A 325 7.91 -13.48 1.35
C MET A 325 8.49 -12.42 2.24
N ALA A 326 9.50 -11.71 1.72
CA ALA A 326 10.08 -10.60 2.45
C ALA A 326 9.06 -9.58 2.98
N SER A 327 9.39 -8.98 4.15
CA SER A 327 8.56 -7.92 4.76
C SER A 327 9.46 -6.87 5.42
N ALA A 328 8.85 -5.75 5.78
CA ALA A 328 9.58 -4.68 6.40
C ALA A 328 8.66 -4.02 7.39
N ALA A 329 9.02 -3.97 8.67
CA ALA A 329 8.17 -3.28 9.68
C ALA A 329 7.97 -1.79 9.44
N HIS A 330 8.84 -1.16 8.64
CA HIS A 330 8.60 0.23 8.20
C HIS A 330 7.62 0.35 7.11
N LEU A 331 7.14 -0.80 6.56
CA LEU A 331 6.22 -0.76 5.44
C LEU A 331 5.11 -1.76 5.80
N PRO A 332 4.30 -1.42 6.84
CA PRO A 332 3.25 -2.35 7.28
C PRO A 332 2.15 -2.68 6.31
N ASP A 333 1.93 -1.85 5.32
CA ASP A 333 0.83 -2.08 4.38
C ASP A 333 1.22 -2.92 3.12
N LEU A 334 2.49 -3.35 3.04
CA LEU A 334 3.05 -4.18 1.95
C LEU A 334 3.27 -5.63 2.42
N VAL A 335 2.59 -6.60 1.81
CA VAL A 335 2.67 -7.93 2.35
C VAL A 335 2.82 -8.86 1.16
N GLY A 336 3.50 -9.97 1.38
CA GLY A 336 3.62 -11.06 0.33
C GLY A 336 3.69 -12.40 0.93
N SER A 337 2.92 -13.35 0.36
CA SER A 337 2.92 -14.76 0.85
C SER A 337 2.86 -15.72 -0.34
N PHE A 338 3.48 -16.88 -0.21
CA PHE A 338 3.27 -18.03 -1.11
C PHE A 338 2.16 -18.88 -0.48
N LEU A 339 1.16 -19.24 -1.25
CA LEU A 339 0.06 -20.11 -0.80
C LEU A 339 -0.09 -21.41 -1.63
N ARG A 340 -0.02 -22.52 -0.93
CA ARG A 340 -0.36 -23.83 -1.51
C ARG A 340 -1.83 -24.20 -1.24
N VAL A 341 -2.60 -24.53 -2.31
CA VAL A 341 -3.99 -24.88 -2.22
C VAL A 341 -4.08 -26.40 -2.51
N ASP A 342 -4.89 -27.10 -1.77
CA ASP A 342 -5.01 -28.56 -1.96
C ASP A 342 -6.35 -29.15 -1.53
N ALA A 343 -7.45 -28.78 -2.22
CA ALA A 343 -8.78 -29.40 -1.98
C ALA A 343 -9.89 -28.90 -2.96
N ASP A 344 -10.92 -29.74 -3.19
CA ASP A 344 -12.01 -29.48 -4.17
C ASP A 344 -13.16 -28.58 -3.66
N GLY A 345 -13.40 -28.54 -2.37
CA GLY A 345 -14.36 -27.60 -1.78
C GLY A 345 -13.90 -27.18 -0.40
N ARG A 346 -14.82 -26.58 0.37
CA ARG A 346 -14.60 -26.34 1.80
C ARG A 346 -13.42 -25.39 2.07
N GLY A 347 -13.17 -24.44 1.17
CA GLY A 347 -11.99 -23.55 1.29
C GLY A 347 -12.10 -22.59 2.47
N ALA A 348 -11.02 -22.40 3.24
CA ALA A 348 -11.06 -21.51 4.43
C ALA A 348 -11.36 -20.16 3.82
N ASP A 349 -12.25 -19.41 4.48
CA ASP A 349 -12.63 -18.15 3.91
C ASP A 349 -11.47 -17.20 4.19
N LEU A 350 -11.08 -16.46 3.15
CA LEU A 350 -10.17 -15.33 3.27
C LEU A 350 -10.95 -14.03 3.26
N ILE A 351 -10.62 -13.17 4.20
CA ILE A 351 -11.23 -11.83 4.38
C ILE A 351 -9.96 -11.05 4.82
N ASP A 352 -9.55 -10.06 4.03
CA ASP A 352 -8.40 -9.28 4.41
C ASP A 352 -8.84 -7.85 4.65
N HIS A 353 -8.11 -7.11 5.47
CA HIS A 353 -8.51 -5.71 5.76
C HIS A 353 -8.11 -4.61 4.74
N ALA A 354 -7.51 -5.04 3.63
CA ALA A 354 -7.24 -4.21 2.52
C ALA A 354 -7.16 -5.08 1.23
N GLU A 355 -6.62 -4.54 0.15
CA GLU A 355 -6.60 -5.18 -1.16
C GLU A 355 -5.61 -6.34 -1.24
N ASN A 356 -5.96 -7.30 -2.06
CA ASN A 356 -5.08 -8.40 -2.45
C ASN A 356 -4.90 -8.44 -3.97
N HIS A 357 -3.70 -8.86 -4.41
CA HIS A 357 -3.48 -9.21 -5.77
C HIS A 357 -2.91 -10.60 -5.82
N TYR A 358 -3.53 -11.48 -6.59
CA TYR A 358 -3.10 -12.85 -6.63
C TYR A 358 -2.59 -13.24 -8.01
N VAL A 359 -1.56 -14.07 -8.06
CA VAL A 359 -1.13 -14.73 -9.33
C VAL A 359 -0.88 -16.20 -9.17
N VAL A 360 -1.50 -16.96 -10.06
CA VAL A 360 -1.41 -18.41 -10.02
C VAL A 360 -0.08 -18.84 -10.66
N THR A 361 0.64 -19.70 -9.97
CA THR A 361 1.90 -20.24 -10.45
C THR A 361 1.88 -21.71 -10.75
N GLU A 362 0.85 -22.41 -10.32
CA GLU A 362 0.68 -23.83 -10.64
C GLU A 362 -0.75 -24.23 -10.47
N GLY A 363 -1.25 -25.03 -11.43
CA GLY A 363 -2.56 -25.65 -11.29
C GLY A 363 -3.65 -24.86 -11.95
N ARG A 364 -4.82 -25.49 -12.05
CA ARG A 364 -6.02 -24.79 -12.56
C ARG A 364 -6.80 -24.61 -11.28
N LEU A 365 -6.77 -23.38 -10.75
CA LEU A 365 -7.38 -23.00 -9.49
C LEU A 365 -8.69 -22.24 -9.69
N THR A 366 -9.57 -22.40 -8.70
CA THR A 366 -10.81 -21.72 -8.68
C THR A 366 -10.88 -20.72 -7.54
N LEU A 367 -11.13 -19.48 -7.91
CA LEU A 367 -11.32 -18.39 -6.94
C LEU A 367 -12.84 -18.18 -6.82
N GLU A 368 -13.35 -18.30 -5.62
CA GLU A 368 -14.76 -17.98 -5.32
C GLU A 368 -14.89 -16.73 -4.49
N TRP A 369 -15.95 -15.98 -4.72
CA TRP A 369 -16.25 -14.78 -3.91
C TRP A 369 -17.77 -14.55 -3.75
N ASP A 370 -18.09 -13.65 -2.83
CA ASP A 370 -19.47 -13.28 -2.56
C ASP A 370 -19.58 -11.79 -2.93
N GLY A 371 -20.33 -11.53 -3.98
CA GLY A 371 -20.43 -10.16 -4.49
C GLY A 371 -21.85 -9.66 -4.54
N PRO A 372 -22.04 -8.49 -5.14
CA PRO A 372 -23.37 -7.89 -5.32
C PRO A 372 -24.36 -8.73 -6.05
N ASP A 373 -23.90 -9.65 -6.87
CA ASP A 373 -24.81 -10.54 -7.57
C ASP A 373 -24.87 -11.94 -6.97
N GLY A 374 -24.41 -12.12 -5.71
CA GLY A 374 -24.34 -13.42 -5.06
C GLY A 374 -23.01 -14.15 -5.35
N PRO A 375 -22.98 -15.46 -5.17
CA PRO A 375 -21.72 -16.23 -5.29
C PRO A 375 -21.25 -16.17 -6.69
N ALA A 376 -19.91 -16.05 -6.85
CA ALA A 376 -19.31 -15.92 -8.16
C ALA A 376 -18.00 -16.69 -8.10
N SER A 377 -17.52 -17.11 -9.25
CA SER A 377 -16.28 -17.92 -9.34
C SER A 377 -15.62 -17.72 -10.66
N VAL A 378 -14.28 -17.86 -10.64
CA VAL A 378 -13.51 -17.88 -11.90
C VAL A 378 -12.39 -18.94 -11.81
N GLU A 379 -12.11 -19.62 -12.91
CA GLU A 379 -11.02 -20.61 -13.00
C GLU A 379 -9.81 -19.95 -13.66
N LEU A 380 -8.68 -20.07 -12.97
CA LEU A 380 -7.40 -19.47 -13.40
C LEU A 380 -6.28 -20.50 -13.47
N GLU A 381 -5.54 -20.44 -14.55
CA GLU A 381 -4.35 -21.25 -14.78
C GLU A 381 -3.08 -20.42 -14.46
N PRO A 382 -1.88 -21.04 -14.54
CA PRO A 382 -0.68 -20.25 -14.29
C PRO A 382 -0.55 -19.05 -15.11
N ASP A 383 -0.12 -17.97 -14.46
CA ASP A 383 -0.15 -16.61 -15.02
C ASP A 383 -1.51 -15.86 -15.01
N GLY A 384 -2.61 -16.58 -14.86
CA GLY A 384 -3.87 -15.95 -14.46
C GLY A 384 -3.75 -15.23 -13.13
N SER A 385 -4.56 -14.18 -12.97
CA SER A 385 -4.46 -13.37 -11.75
C SER A 385 -5.79 -12.79 -11.37
N ALA A 386 -5.88 -12.32 -10.13
CA ALA A 386 -7.01 -11.61 -9.64
C ALA A 386 -6.68 -10.50 -8.64
N TRP A 387 -7.68 -9.65 -8.41
CA TRP A 387 -7.61 -8.57 -7.40
C TRP A 387 -8.80 -8.69 -6.51
N THR A 388 -8.66 -8.54 -5.20
CA THR A 388 -9.82 -8.51 -4.31
C THR A 388 -9.85 -7.16 -3.58
N GLY A 389 -11.03 -6.52 -3.49
CA GLY A 389 -11.21 -5.29 -2.72
C GLY A 389 -11.09 -5.60 -1.22
N PRO A 390 -10.96 -4.57 -0.39
CA PRO A 390 -10.89 -4.75 1.07
C PRO A 390 -12.16 -5.44 1.58
N PHE A 391 -11.98 -6.35 2.52
CA PHE A 391 -13.07 -7.07 3.17
C PHE A 391 -13.95 -7.92 2.23
N VAL A 392 -13.46 -8.25 1.01
CA VAL A 392 -14.19 -9.14 0.14
C VAL A 392 -13.89 -10.57 0.56
N ARG A 393 -14.95 -11.30 0.89
CA ARG A 393 -14.78 -12.67 1.40
C ARG A 393 -14.64 -13.58 0.16
N HIS A 394 -13.65 -14.40 0.21
CA HIS A 394 -13.26 -15.26 -0.94
C HIS A 394 -12.50 -16.47 -0.46
N ARG A 395 -12.32 -17.41 -1.39
CA ARG A 395 -11.60 -18.63 -1.08
C ARG A 395 -11.09 -19.22 -2.41
N TRP A 396 -10.07 -20.03 -2.30
CA TRP A 396 -9.49 -20.79 -3.45
C TRP A 396 -9.80 -22.30 -3.26
N HIS A 397 -10.15 -22.98 -4.36
CA HIS A 397 -10.28 -24.47 -4.43
C HIS A 397 -9.37 -24.98 -5.56
N GLY A 398 -9.04 -26.28 -5.53
CA GLY A 398 -8.12 -26.88 -6.52
C GLY A 398 -6.82 -27.32 -5.91
N THR A 399 -5.85 -27.69 -6.77
CA THR A 399 -4.60 -28.17 -6.35
C THR A 399 -3.57 -27.39 -7.16
N GLY A 400 -2.83 -26.56 -6.46
CA GLY A 400 -2.02 -25.58 -7.12
C GLY A 400 -1.45 -24.61 -6.12
N THR A 401 -0.89 -23.56 -6.69
CA THR A 401 -0.11 -22.58 -5.95
C THR A 401 -0.48 -21.22 -6.47
N VAL A 402 -0.57 -20.29 -5.52
CA VAL A 402 -0.83 -18.95 -5.88
C VAL A 402 0.04 -18.03 -5.05
N LEU A 403 0.47 -16.92 -5.64
CA LEU A 403 1.17 -15.88 -4.84
C LEU A 403 0.15 -14.82 -4.42
N LYS A 404 0.21 -14.43 -3.14
CA LYS A 404 -0.70 -13.49 -2.56
C LYS A 404 0.06 -12.24 -2.17
N PHE A 405 -0.29 -11.14 -2.78
CA PHE A 405 0.34 -9.83 -2.45
C PHE A 405 -0.72 -8.97 -1.82
N GLY A 406 -0.29 -8.00 -1.01
CA GLY A 406 -1.18 -7.11 -0.42
C GLY A 406 -0.66 -5.71 -0.32
N SER A 407 -1.56 -4.77 -0.56
CA SER A 407 -1.25 -3.35 -0.47
C SER A 407 -2.55 -2.58 -0.17
N GLY A 408 -2.48 -1.25 -0.11
CA GLY A 408 -3.74 -0.50 0.03
C GLY A 408 -3.65 0.49 1.18
N ALA A 409 -4.13 1.69 0.93
CA ALA A 409 -4.26 2.71 1.98
C ALA A 409 -5.39 2.46 2.97
N HIS A 410 -6.40 1.66 2.61
CA HIS A 410 -7.58 1.51 3.42
C HIS A 410 -8.01 0.01 3.46
N LEU A 411 -8.05 -0.61 4.63
CA LEU A 411 -7.57 -0.02 5.90
C LEU A 411 -6.08 -0.27 6.02
N GLY A 412 -5.30 0.79 6.14
CA GLY A 412 -3.89 0.67 6.27
C GLY A 412 -3.51 1.00 7.70
N TYR A 413 -2.20 0.95 8.00
CA TYR A 413 -1.80 1.03 9.42
C TYR A 413 -2.10 2.44 10.01
N GLN A 414 -2.07 3.47 9.19
CA GLN A 414 -2.43 4.84 9.64
C GLN A 414 -3.95 4.97 9.91
N ASP A 415 -4.83 4.27 9.15
CA ASP A 415 -6.29 4.20 9.46
C ASP A 415 -6.47 3.50 10.81
N TRP A 416 -5.68 2.45 11.04
CA TRP A 416 -5.79 1.76 12.33
C TRP A 416 -5.51 2.65 13.49
N LEU A 417 -4.50 3.50 13.34
CA LEU A 417 -4.18 4.43 14.41
C LEU A 417 -5.35 5.35 14.68
N GLU A 418 -5.97 5.89 13.65
CA GLU A 418 -7.12 6.74 13.84
C GLU A 418 -8.35 6.00 14.35
N LEU A 419 -8.53 4.75 13.95
CA LEU A 419 -9.73 4.05 14.30
C LEU A 419 -9.73 3.72 15.76
N THR A 420 -8.55 3.51 16.31
CA THR A 420 -8.44 3.41 17.77
C THR A 420 -8.75 4.74 18.57
N ASN A 421 -8.62 5.90 17.93
CA ASN A 421 -9.08 7.25 18.46
C ASN A 421 -10.52 7.63 18.11
N THR A 422 -11.31 6.72 17.57
CA THR A 422 -12.61 7.11 17.10
C THR A 422 -13.68 6.56 18.07
N PHE A 423 -14.63 7.42 18.52
CA PHE A 423 -15.86 6.96 19.23
C PHE A 423 -16.63 6.06 18.28
N GLU A 424 -16.92 4.81 18.66
CA GLU A 424 -17.84 3.96 17.87
C GLU A 424 -17.56 4.10 16.39
N PRO A 425 -16.41 3.55 15.97
CA PRO A 425 -16.04 3.66 14.56
C PRO A 425 -17.02 3.05 13.59
N ALA A 426 -17.61 1.92 13.96
CA ALA A 426 -18.58 1.31 13.05
C ALA A 426 -19.82 2.21 12.83
N ALA A 427 -20.37 2.80 13.88
CA ALA A 427 -21.44 3.78 13.70
C ALA A 427 -21.07 4.98 12.84
N THR A 428 -19.86 5.50 13.03
CA THR A 428 -19.39 6.60 12.17
C THR A 428 -19.36 6.22 10.74
N LEU A 429 -18.80 5.03 10.42
CA LEU A 429 -18.80 4.55 9.05
C LEU A 429 -20.21 4.33 8.54
N ARG A 430 -21.07 3.69 9.32
CA ARG A 430 -22.45 3.49 8.87
CA ARG A 430 -22.44 3.51 8.81
C ARG A 430 -23.07 4.85 8.56
N ARG A 431 -22.86 5.80 9.48
CA ARG A 431 -23.37 7.16 9.32
C ARG A 431 -22.76 7.83 8.09
CD CD B . 10.63 -1.02 -9.94
CD CD C . -10.78 4.55 -7.44
CD CD D . -16.12 -12.05 -14.34
CD CD E . 5.03 6.83 -8.24
CD CD F . -34.37 17.08 -13.84
CD CD G . 14.21 -10.58 -28.00
CD CD H . 20.54 -20.79 -7.27
CD CD I . 27.46 -19.51 -18.33
CD CD J . -10.88 -11.89 -18.86
CD CD K . 27.29 -21.02 -20.23
NA NA L . 13.55 -0.83 7.30
C ACT M . -20.68 16.12 6.62
O ACT M . -21.30 16.72 5.77
OXT ACT M . -19.52 16.44 6.83
CH3 ACT M . -21.30 14.95 7.28
C ACT N . 22.21 -22.31 -6.07
O ACT N . 21.24 -21.56 -5.76
OXT ACT N . 22.82 -21.98 -7.01
CH3 ACT N . 22.61 -23.50 -5.24
#